data_5C7M
#
_entry.id   5C7M
#
_cell.length_a   121.115
_cell.length_b   121.115
_cell.length_c   85.547
_cell.angle_alpha   90.00
_cell.angle_beta   90.00
_cell.angle_gamma   120.00
#
_symmetry.space_group_name_H-M   'P 3 2 1'
#
loop_
_entity.id
_entity.type
_entity.pdbx_description
1 polymer 'E3 ubiquitin-protein ligase Itchy homolog'
2 polymer Polyubiquitin-C
3 water water
#
loop_
_entity_poly.entity_id
_entity_poly.type
_entity_poly.pdbx_seq_one_letter_code
_entity_poly.pdbx_strand_id
1 'polypeptide(L)'
;MHHHHHHSSGRENLYFQGYVRDFKAKVQYFRFWCQQLAMPQHIKITVTRKTLFEDSFQQIMSFSPQDLRRRLWVIFPGEE
GLDYGGVAREWFFLLSHEVSNPMYCLFEYAGKDNYCLQINPASYINPDHLKYFRFIGRFIAMALFHGKFIDTGFSLPFYK
RILNKPVGLKDLESIDPEFYNSLIWVKENNIEECDLEMYFSVDKEILGEIKSHDLKPNGGNILVTEENKEEYIRMVAEWR
LSRGVEEQTQAFFEGFNEILPQQYLQYFDAKELEVLLCGMQEIDLNDWQRHAIYRRYARTSKQIMWFWQFVKEIDNEKRM
RLLQFVTGTCRLPVGGFADLMGSNGPQKFCIEKVGKENWLPRSHTCFNRLDLPPYKSYEQLKEKLLFAIEETEG
;
A
2 'polypeptide(L)'
;MHILVKTLRGKTITLEVEPSDTIENVKAKIQDKEGIPPDQQRLLFGGNKLEDGRTLSDYNIQKESNLYLLLRRLGSKFHH
HHHH
;
B,C
#
# COMPACT_ATOMS: atom_id res chain seq x y z
N ARG A 21 1.33 -9.76 27.24
CA ARG A 21 2.52 -10.32 26.62
C ARG A 21 3.72 -9.37 26.75
N ASP A 22 4.90 -9.84 26.29
CA ASP A 22 6.15 -9.08 26.29
C ASP A 22 6.90 -9.38 24.98
N PHE A 23 7.16 -8.33 24.17
CA PHE A 23 7.88 -8.48 22.89
C PHE A 23 9.33 -8.89 23.13
N LYS A 24 9.97 -8.34 24.19
CA LYS A 24 11.36 -8.68 24.57
C LYS A 24 11.54 -10.18 24.79
N ALA A 25 10.53 -10.84 25.36
CA ALA A 25 10.55 -12.28 25.59
C ALA A 25 10.40 -13.05 24.27
N LYS A 26 9.50 -12.59 23.39
CA LYS A 26 9.27 -13.23 22.08
C LYS A 26 10.49 -13.10 21.16
N VAL A 27 11.16 -11.92 21.16
CA VAL A 27 12.36 -11.69 20.36
C VAL A 27 13.51 -12.57 20.86
N GLN A 28 13.65 -12.70 22.21
CA GLN A 28 14.69 -13.52 22.83
C GLN A 28 14.51 -15.01 22.51
N TYR A 29 13.24 -15.45 22.37
CA TYR A 29 12.93 -16.85 22.06
C TYR A 29 13.30 -17.14 20.60
N PHE A 30 12.87 -16.25 19.70
CA PHE A 30 13.14 -16.36 18.26
C PHE A 30 14.65 -16.35 17.97
N ARG A 31 15.42 -15.51 18.71
CA ARG A 31 16.89 -15.46 18.54
C ARG A 31 17.54 -16.80 18.92
N PHE A 32 16.99 -17.51 19.94
CA PHE A 32 17.51 -18.82 20.35
C PHE A 32 17.27 -19.87 19.27
N TRP A 33 16.09 -19.84 18.61
CA TRP A 33 15.76 -20.80 17.53
C TRP A 33 16.71 -20.67 16.33
N CYS A 34 17.06 -19.42 15.97
CA CYS A 34 17.95 -19.13 14.83
C CYS A 34 19.37 -19.65 15.13
N GLN A 35 19.87 -19.43 16.37
CA GLN A 35 21.19 -19.89 16.82
C GLN A 35 21.33 -21.43 16.68
N GLN A 36 20.22 -22.18 16.82
CA GLN A 36 20.24 -23.64 16.67
C GLN A 36 20.31 -24.03 15.19
N LEU A 37 19.59 -23.32 14.31
CA LEU A 37 19.58 -23.61 12.86
C LEU A 37 20.83 -23.02 12.15
N ALA A 38 21.62 -22.14 12.84
CA ALA A 38 22.85 -21.53 12.30
C ALA A 38 23.90 -22.58 11.94
N MET A 39 24.79 -22.22 10.98
CA MET A 39 25.85 -23.10 10.47
C MET A 39 27.24 -22.55 10.83
N PRO A 40 28.29 -23.42 10.86
CA PRO A 40 29.62 -22.94 11.25
C PRO A 40 30.37 -22.24 10.12
N GLN A 41 31.53 -21.65 10.46
CA GLN A 41 32.41 -20.92 9.55
C GLN A 41 31.63 -19.72 8.91
N HIS A 42 32.08 -19.17 7.77
CA HIS A 42 31.43 -18.00 7.15
C HIS A 42 31.47 -18.07 5.61
N ILE A 43 30.86 -17.06 4.96
CA ILE A 43 30.84 -16.91 3.50
C ILE A 43 31.21 -15.47 3.13
N LYS A 44 31.79 -15.30 1.95
CA LYS A 44 32.23 -14.00 1.45
C LYS A 44 31.15 -13.37 0.58
N ILE A 45 30.86 -12.08 0.81
CA ILE A 45 29.90 -11.33 0.00
C ILE A 45 30.62 -10.07 -0.37
N THR A 46 30.87 -9.88 -1.67
CA THR A 46 31.59 -8.75 -2.22
C THR A 46 30.65 -7.93 -3.06
N VAL A 47 30.47 -6.66 -2.70
CA VAL A 47 29.57 -5.74 -3.41
C VAL A 47 30.26 -4.41 -3.60
N THR A 48 29.60 -3.50 -4.32
CA THR A 48 30.08 -2.12 -4.54
C THR A 48 28.88 -1.21 -4.32
N ARG A 49 29.12 0.07 -4.02
CA ARG A 49 28.00 1.01 -3.82
C ARG A 49 27.34 1.37 -5.16
N LYS A 50 28.12 1.51 -6.24
CA LYS A 50 27.59 1.90 -7.56
C LYS A 50 26.54 0.88 -8.05
N THR A 51 26.88 -0.41 -8.13
CA THR A 51 25.95 -1.45 -8.64
C THR A 51 25.52 -2.44 -7.54
N LEU A 52 25.26 -1.93 -6.33
CA LEU A 52 24.90 -2.69 -5.12
C LEU A 52 23.76 -3.70 -5.32
N PHE A 53 22.62 -3.26 -5.89
CA PHE A 53 21.45 -4.13 -6.08
C PHE A 53 21.78 -5.36 -6.93
N GLU A 54 22.48 -5.17 -8.06
CA GLU A 54 22.81 -6.25 -8.97
C GLU A 54 23.94 -7.14 -8.42
N ASP A 55 24.96 -6.52 -7.77
CA ASP A 55 26.06 -7.26 -7.14
C ASP A 55 25.50 -8.17 -6.08
N SER A 56 24.68 -7.58 -5.17
CA SER A 56 24.01 -8.32 -4.09
C SER A 56 23.16 -9.45 -4.64
N PHE A 57 22.38 -9.19 -5.70
CA PHE A 57 21.56 -10.21 -6.37
C PHE A 57 22.44 -11.39 -6.82
N GLN A 58 23.46 -11.11 -7.66
CA GLN A 58 24.39 -12.15 -8.15
C GLN A 58 25.02 -12.91 -6.96
N GLN A 59 25.49 -12.17 -5.96
CA GLN A 59 26.16 -12.76 -4.80
C GLN A 59 25.22 -13.65 -3.97
N ILE A 60 24.09 -13.12 -3.48
CA ILE A 60 23.16 -13.89 -2.63
C ILE A 60 22.66 -15.17 -3.36
N MET A 61 22.44 -15.09 -4.67
CA MET A 61 21.96 -16.23 -5.46
C MET A 61 23.06 -17.25 -5.76
N SER A 62 24.32 -16.82 -5.85
CA SER A 62 25.43 -17.74 -6.07
C SER A 62 25.54 -18.76 -4.94
N PHE A 63 25.10 -18.41 -3.71
CA PHE A 63 25.15 -19.30 -2.55
C PHE A 63 23.89 -20.12 -2.40
N SER A 64 24.00 -21.19 -1.59
CA SER A 64 22.89 -22.07 -1.25
C SER A 64 22.26 -21.58 0.07
N PRO A 65 21.04 -22.03 0.41
CA PRO A 65 20.44 -21.62 1.67
C PRO A 65 21.28 -21.99 2.90
N GLN A 66 21.91 -23.18 2.93
CA GLN A 66 22.73 -23.58 4.08
C GLN A 66 23.98 -22.70 4.19
N ASP A 67 24.53 -22.22 3.05
CA ASP A 67 25.67 -21.30 3.06
C ASP A 67 25.24 -19.91 3.56
N LEU A 68 24.01 -19.47 3.23
CA LEU A 68 23.51 -18.17 3.69
C LEU A 68 23.12 -18.20 5.19
N ARG A 69 23.08 -19.40 5.83
CA ARG A 69 22.85 -19.51 7.27
C ARG A 69 24.19 -19.40 8.07
N ARG A 70 25.37 -19.39 7.37
CA ARG A 70 26.70 -19.22 8.00
C ARG A 70 26.91 -17.72 8.29
N ARG A 71 28.06 -17.34 8.88
CA ARG A 71 28.35 -15.92 9.14
C ARG A 71 28.48 -15.17 7.80
N LEU A 72 27.86 -13.97 7.70
CA LEU A 72 27.93 -13.17 6.50
C LEU A 72 29.11 -12.20 6.63
N TRP A 73 30.26 -12.56 6.05
CA TRP A 73 31.40 -11.66 6.03
C TRP A 73 31.25 -10.83 4.75
N VAL A 74 30.71 -9.60 4.87
CA VAL A 74 30.46 -8.70 3.73
C VAL A 74 31.60 -7.68 3.62
N ILE A 75 32.00 -7.34 2.37
CA ILE A 75 33.05 -6.35 2.09
C ILE A 75 32.62 -5.42 0.96
N PHE A 76 33.07 -4.16 1.01
CA PHE A 76 32.85 -3.14 -0.02
C PHE A 76 34.25 -2.75 -0.50
N PRO A 77 34.91 -3.57 -1.35
CA PRO A 77 36.25 -3.22 -1.79
C PRO A 77 36.29 -1.82 -2.41
N GLY A 78 37.37 -1.10 -2.12
CA GLY A 78 37.57 0.25 -2.62
C GLY A 78 36.56 1.27 -2.14
N GLU A 79 36.19 1.19 -0.85
CA GLU A 79 35.24 2.10 -0.22
C GLU A 79 35.87 2.60 1.08
N GLU A 80 36.37 3.85 1.05
CA GLU A 80 36.99 4.47 2.21
C GLU A 80 35.90 4.65 3.27
N GLY A 81 36.21 4.32 4.50
CA GLY A 81 35.27 4.40 5.61
C GLY A 81 34.72 3.04 6.04
N LEU A 82 35.08 1.97 5.31
CA LEU A 82 34.73 0.60 5.64
C LEU A 82 36.02 -0.22 5.63
N ASP A 83 36.07 -1.31 6.38
CA ASP A 83 37.24 -2.17 6.50
C ASP A 83 36.86 -3.61 6.16
N TYR A 84 37.88 -4.48 6.11
CA TYR A 84 37.66 -5.88 5.75
C TYR A 84 37.24 -6.74 6.95
N GLY A 85 36.75 -6.13 8.02
CA GLY A 85 36.08 -6.87 9.09
C GLY A 85 34.65 -7.03 8.61
N GLY A 86 33.71 -7.22 9.52
CA GLY A 86 32.31 -7.31 9.11
C GLY A 86 31.75 -5.97 8.67
N VAL A 87 30.96 -5.96 7.59
CA VAL A 87 30.29 -4.75 7.10
C VAL A 87 28.81 -5.10 6.73
N ALA A 88 28.23 -6.14 7.36
CA ALA A 88 26.88 -6.58 7.03
C ALA A 88 25.81 -5.56 7.43
N ARG A 89 25.98 -4.84 8.56
N ARG A 89 25.99 -4.84 8.56
CA ARG A 89 24.98 -3.85 9.00
CA ARG A 89 25.01 -3.83 9.01
C ARG A 89 24.86 -2.71 7.98
C ARG A 89 24.86 -2.72 7.98
N GLU A 90 25.98 -2.27 7.37
CA GLU A 90 25.93 -1.20 6.36
C GLU A 90 25.35 -1.75 5.05
N TRP A 91 25.63 -3.04 4.74
CA TRP A 91 25.09 -3.70 3.54
C TRP A 91 23.59 -3.84 3.67
N PHE A 92 23.11 -4.43 4.77
CA PHE A 92 21.67 -4.59 5.02
C PHE A 92 20.95 -3.22 5.03
N PHE A 93 21.60 -2.16 5.52
CA PHE A 93 21.02 -0.82 5.56
C PHE A 93 20.93 -0.23 4.17
N LEU A 94 22.06 -0.18 3.47
CA LEU A 94 22.13 0.42 2.14
C LEU A 94 21.35 -0.39 1.10
N LEU A 95 21.45 -1.71 1.11
CA LEU A 95 20.74 -2.54 0.13
C LEU A 95 19.21 -2.40 0.29
N SER A 96 18.72 -2.25 1.54
CA SER A 96 17.27 -2.08 1.78
C SER A 96 16.74 -0.78 1.12
N HIS A 97 17.57 0.28 1.02
CA HIS A 97 17.17 1.50 0.32
C HIS A 97 17.04 1.24 -1.18
N GLU A 98 18.03 0.55 -1.78
CA GLU A 98 18.01 0.31 -3.23
C GLU A 98 16.93 -0.68 -3.64
N VAL A 99 16.42 -1.53 -2.73
CA VAL A 99 15.32 -2.46 -3.02
C VAL A 99 14.08 -1.63 -3.46
N SER A 100 13.79 -0.52 -2.74
CA SER A 100 12.65 0.38 -3.00
C SER A 100 12.77 1.19 -4.32
N ASN A 101 13.97 1.30 -4.92
CA ASN A 101 14.15 2.07 -6.17
C ASN A 101 13.20 1.57 -7.26
N PRO A 102 12.38 2.46 -7.86
CA PRO A 102 11.42 2.00 -8.87
C PRO A 102 12.03 1.58 -10.20
N MET A 103 13.32 1.89 -10.48
CA MET A 103 13.94 1.55 -11.76
C MET A 103 14.04 0.04 -11.96
N TYR A 104 14.06 -0.74 -10.87
CA TYR A 104 14.11 -2.20 -10.92
C TYR A 104 12.73 -2.81 -11.30
N CYS A 105 11.64 -1.99 -11.20
CA CYS A 105 10.25 -2.34 -11.56
C CYS A 105 9.64 -3.34 -10.59
N LEU A 106 10.16 -3.46 -9.36
CA LEU A 106 9.62 -4.44 -8.40
C LEU A 106 8.64 -3.80 -7.44
N PHE A 107 8.98 -2.64 -6.86
CA PHE A 107 8.10 -1.95 -5.90
C PHE A 107 7.79 -0.54 -6.35
N GLU A 108 6.56 -0.09 -6.07
CA GLU A 108 6.08 1.29 -6.33
C GLU A 108 6.24 2.05 -5.01
N TYR A 109 6.93 3.23 -5.03
CA TYR A 109 7.25 3.97 -3.81
C TYR A 109 6.95 5.47 -3.88
N ALA A 110 6.81 6.09 -2.69
CA ALA A 110 6.57 7.53 -2.51
C ALA A 110 7.92 8.23 -2.30
N GLY A 111 8.14 9.32 -3.02
CA GLY A 111 9.40 10.08 -2.99
C GLY A 111 9.89 10.51 -1.63
N LYS A 112 11.24 10.61 -1.49
CA LYS A 112 11.97 11.00 -0.27
C LYS A 112 11.67 10.05 0.88
N CYS A 116 6.93 3.09 1.92
CA CYS A 116 6.72 1.68 2.21
C CYS A 116 6.78 0.85 0.93
N LEU A 117 7.13 -0.45 1.07
CA LEU A 117 7.19 -1.37 -0.06
C LEU A 117 5.79 -1.92 -0.42
N GLN A 118 5.31 -1.56 -1.62
CA GLN A 118 4.07 -2.08 -2.21
C GLN A 118 4.48 -2.74 -3.53
N ILE A 119 4.34 -4.08 -3.63
CA ILE A 119 4.73 -4.81 -4.85
C ILE A 119 4.00 -4.17 -6.04
N ASN A 120 4.76 -3.76 -7.06
CA ASN A 120 4.22 -3.15 -8.26
C ASN A 120 3.60 -4.25 -9.15
N PRO A 121 2.29 -4.16 -9.50
CA PRO A 121 1.68 -5.20 -10.36
C PRO A 121 2.26 -5.26 -11.78
N ALA A 122 2.95 -4.17 -12.23
CA ALA A 122 3.59 -4.11 -13.54
C ALA A 122 5.08 -4.52 -13.47
N SER A 123 5.44 -5.48 -12.58
CA SER A 123 6.81 -5.95 -12.46
C SER A 123 7.18 -6.89 -13.62
N TYR A 124 6.18 -7.43 -14.37
CA TYR A 124 6.43 -8.25 -15.59
C TYR A 124 7.34 -7.50 -16.59
N ILE A 125 7.36 -6.12 -16.54
CA ILE A 125 8.21 -5.24 -17.37
C ILE A 125 9.64 -5.80 -17.28
N ASN A 126 10.12 -6.07 -16.05
CA ASN A 126 11.42 -6.72 -15.82
C ASN A 126 11.18 -8.22 -16.11
N PRO A 127 11.71 -8.79 -17.20
CA PRO A 127 11.44 -10.21 -17.48
C PRO A 127 11.87 -11.18 -16.38
N ASP A 128 12.94 -10.86 -15.62
CA ASP A 128 13.44 -11.71 -14.52
C ASP A 128 12.89 -11.26 -13.14
N HIS A 129 11.81 -10.46 -13.09
CA HIS A 129 11.24 -9.96 -11.83
C HIS A 129 10.99 -11.07 -10.79
N LEU A 130 10.54 -12.26 -11.19
CA LEU A 130 10.30 -13.33 -10.21
C LEU A 130 11.64 -13.85 -9.66
N LYS A 131 12.73 -13.82 -10.44
CA LYS A 131 14.04 -14.21 -9.94
C LYS A 131 14.50 -13.17 -8.92
N TYR A 132 14.23 -11.87 -9.18
CA TYR A 132 14.58 -10.79 -8.25
C TYR A 132 13.73 -10.83 -6.98
N PHE A 133 12.44 -11.22 -7.08
CA PHE A 133 11.58 -11.32 -5.89
C PHE A 133 12.05 -12.46 -4.98
N ARG A 134 12.56 -13.56 -5.54
CA ARG A 134 13.11 -14.64 -4.72
C ARG A 134 14.33 -14.12 -3.95
N PHE A 135 15.18 -13.31 -4.60
CA PHE A 135 16.33 -12.71 -3.94
C PHE A 135 15.88 -11.76 -2.82
N ILE A 136 14.83 -10.95 -3.03
CA ILE A 136 14.32 -10.03 -2.02
C ILE A 136 13.71 -10.88 -0.87
N GLY A 137 13.14 -12.04 -1.20
CA GLY A 137 12.64 -12.97 -0.20
C GLY A 137 13.76 -13.48 0.68
N ARG A 138 14.89 -13.89 0.06
CA ARG A 138 16.07 -14.35 0.79
C ARG A 138 16.67 -13.20 1.62
N PHE A 139 16.75 -11.99 1.04
CA PHE A 139 17.29 -10.82 1.72
C PHE A 139 16.54 -10.49 3.02
N ILE A 140 15.21 -10.48 2.97
CA ILE A 140 14.39 -10.15 4.14
C ILE A 140 14.47 -11.28 5.18
N ALA A 141 14.50 -12.55 4.74
CA ALA A 141 14.64 -13.70 5.65
C ALA A 141 16.04 -13.77 6.25
N MET A 142 17.05 -13.25 5.51
CA MET A 142 18.43 -13.19 6.02
C MET A 142 18.57 -12.09 7.08
N ALA A 143 17.84 -10.97 6.95
CA ALA A 143 17.88 -9.90 7.93
C ALA A 143 17.31 -10.40 9.27
N LEU A 144 16.22 -11.18 9.22
CA LEU A 144 15.59 -11.74 10.42
C LEU A 144 16.49 -12.77 11.08
N PHE A 145 17.00 -13.72 10.31
CA PHE A 145 17.87 -14.79 10.80
C PHE A 145 19.14 -14.27 11.45
N HIS A 146 19.87 -13.40 10.77
CA HIS A 146 21.16 -12.88 11.25
C HIS A 146 21.01 -11.71 12.24
N GLY A 147 19.79 -11.28 12.55
CA GLY A 147 19.55 -10.24 13.54
C GLY A 147 20.08 -8.88 13.14
N LYS A 148 20.00 -8.57 11.84
CA LYS A 148 20.44 -7.30 11.30
C LYS A 148 19.19 -6.52 10.90
N PHE A 149 19.21 -5.21 11.09
CA PHE A 149 18.04 -4.39 10.78
C PHE A 149 18.13 -3.82 9.37
N ILE A 150 16.96 -3.54 8.77
CA ILE A 150 16.81 -2.94 7.45
C ILE A 150 16.12 -1.59 7.62
N ASP A 151 16.29 -0.69 6.67
CA ASP A 151 15.68 0.64 6.75
C ASP A 151 14.66 0.72 5.64
N THR A 152 13.75 -0.25 5.65
CA THR A 152 12.67 -0.41 4.67
C THR A 152 11.62 -1.29 5.32
N GLY A 153 10.38 -1.14 4.89
CA GLY A 153 9.28 -1.94 5.41
C GLY A 153 8.13 -2.08 4.44
N PHE A 154 7.37 -3.17 4.60
CA PHE A 154 6.19 -3.47 3.80
C PHE A 154 4.96 -2.92 4.50
N SER A 155 3.78 -3.11 3.90
CA SER A 155 2.50 -2.64 4.48
C SER A 155 2.05 -3.59 5.60
N LEU A 156 1.13 -3.10 6.47
CA LEU A 156 0.56 -3.90 7.56
C LEU A 156 0.01 -5.24 7.02
N PRO A 157 -0.83 -5.26 5.95
CA PRO A 157 -1.28 -6.56 5.40
C PRO A 157 -0.16 -7.47 4.91
N PHE A 158 0.93 -6.91 4.36
CA PHE A 158 2.04 -7.73 3.87
C PHE A 158 2.76 -8.43 5.03
N TYR A 159 2.85 -7.80 6.20
CA TYR A 159 3.45 -8.46 7.37
C TYR A 159 2.53 -9.60 7.80
N LYS A 160 1.19 -9.43 7.70
CA LYS A 160 0.22 -10.50 8.01
C LYS A 160 0.39 -11.67 7.01
N ARG A 161 0.81 -11.36 5.76
CA ARG A 161 1.07 -12.40 4.75
C ARG A 161 2.28 -13.24 5.21
N ILE A 162 3.34 -12.58 5.71
CA ILE A 162 4.55 -13.26 6.20
C ILE A 162 4.17 -14.14 7.42
N LEU A 163 3.28 -13.65 8.29
CA LEU A 163 2.86 -14.38 9.47
C LEU A 163 1.75 -15.41 9.19
N ASN A 164 1.28 -15.57 7.93
CA ASN A 164 0.19 -16.48 7.54
C ASN A 164 -1.09 -16.18 8.38
N LYS A 165 -1.37 -14.87 8.58
CA LYS A 165 -2.54 -14.41 9.32
C LYS A 165 -3.60 -13.98 8.29
N PRO A 166 -4.90 -14.14 8.60
CA PRO A 166 -5.92 -13.76 7.62
C PRO A 166 -5.99 -12.25 7.39
N VAL A 167 -6.19 -11.85 6.13
CA VAL A 167 -6.28 -10.45 5.68
C VAL A 167 -7.77 -10.12 5.36
N GLY A 168 -8.17 -8.87 5.57
CA GLY A 168 -9.55 -8.45 5.33
C GLY A 168 -9.76 -6.97 5.10
N LEU A 169 -11.02 -6.52 5.32
CA LEU A 169 -11.45 -5.12 5.13
C LEU A 169 -10.66 -4.14 5.98
N LYS A 170 -10.32 -4.50 7.23
CA LYS A 170 -9.53 -3.62 8.10
C LYS A 170 -8.19 -3.20 7.45
N ASP A 171 -7.50 -4.14 6.80
CA ASP A 171 -6.19 -3.87 6.17
C ASP A 171 -6.29 -3.14 4.83
N LEU A 172 -7.47 -3.11 4.20
CA LEU A 172 -7.67 -2.44 2.91
C LEU A 172 -7.56 -0.92 3.05
N GLU A 173 -7.97 -0.35 4.22
CA GLU A 173 -7.92 1.10 4.49
C GLU A 173 -6.53 1.69 4.23
N SER A 174 -5.46 0.97 4.58
CA SER A 174 -4.09 1.43 4.37
C SER A 174 -3.73 1.56 2.87
N ILE A 175 -4.07 0.55 2.04
CA ILE A 175 -3.73 0.50 0.61
C ILE A 175 -4.75 1.26 -0.27
N ASP A 176 -6.07 1.15 0.02
CA ASP A 176 -7.12 1.80 -0.78
C ASP A 176 -8.23 2.30 0.17
N PRO A 177 -8.21 3.58 0.58
CA PRO A 177 -9.23 4.07 1.52
C PRO A 177 -10.62 4.26 0.90
N GLU A 178 -10.73 4.72 -0.37
CA GLU A 178 -12.05 4.95 -0.98
C GLU A 178 -12.75 3.63 -1.35
N PHE A 179 -12.00 2.53 -1.63
CA PHE A 179 -12.64 1.24 -1.88
C PHE A 179 -13.18 0.78 -0.52
N TYR A 180 -12.32 0.85 0.51
CA TYR A 180 -12.70 0.52 1.89
C TYR A 180 -13.96 1.30 2.31
N ASN A 181 -14.00 2.63 2.06
CA ASN A 181 -15.16 3.47 2.42
C ASN A 181 -16.44 3.04 1.68
N SER A 182 -16.30 2.58 0.42
CA SER A 182 -17.45 2.08 -0.36
C SER A 182 -17.95 0.75 0.24
N LEU A 183 -17.04 -0.11 0.72
CA LEU A 183 -17.40 -1.40 1.34
C LEU A 183 -18.02 -1.18 2.73
N ILE A 184 -17.54 -0.17 3.49
CA ILE A 184 -18.11 0.15 4.80
C ILE A 184 -19.56 0.64 4.64
N TRP A 185 -19.88 1.38 3.55
CA TRP A 185 -21.25 1.81 3.29
C TRP A 185 -22.15 0.59 3.10
N VAL A 186 -21.69 -0.42 2.32
CA VAL A 186 -22.43 -1.66 2.05
C VAL A 186 -22.62 -2.42 3.38
N LYS A 187 -21.60 -2.42 4.25
CA LYS A 187 -21.67 -3.12 5.54
C LYS A 187 -22.71 -2.48 6.46
N GLU A 188 -22.61 -1.15 6.65
CA GLU A 188 -23.47 -0.41 7.59
C GLU A 188 -24.87 -0.03 7.01
N ASN A 189 -25.08 0.02 5.68
CA ASN A 189 -26.39 0.38 5.10
C ASN A 189 -27.13 -0.88 4.56
N ASN A 190 -28.48 -0.80 4.41
CA ASN A 190 -29.30 -1.94 3.94
C ASN A 190 -29.34 -2.02 2.40
N ILE A 191 -28.67 -3.05 1.84
CA ILE A 191 -28.60 -3.28 0.38
C ILE A 191 -29.93 -3.83 -0.15
N GLU A 192 -30.66 -4.65 0.64
CA GLU A 192 -31.95 -5.22 0.21
C GLU A 192 -33.04 -4.13 0.10
N GLU A 193 -33.07 -3.16 1.04
CA GLU A 193 -34.04 -2.05 0.98
C GLU A 193 -33.70 -1.13 -0.20
N CYS A 194 -32.40 -0.81 -0.38
CA CYS A 194 -31.92 0.04 -1.48
C CYS A 194 -32.01 -0.72 -2.83
N ASP A 195 -32.10 -2.09 -2.80
CA ASP A 195 -32.20 -2.98 -3.98
C ASP A 195 -30.98 -2.74 -4.89
N LEU A 196 -29.80 -3.23 -4.46
CA LEU A 196 -28.53 -3.03 -5.17
C LEU A 196 -28.06 -4.32 -5.88
N GLU A 197 -27.74 -4.24 -7.18
CA GLU A 197 -27.27 -5.38 -7.97
C GLU A 197 -25.74 -5.57 -7.78
N MET A 198 -25.36 -6.60 -6.99
CA MET A 198 -23.97 -6.95 -6.71
C MET A 198 -23.86 -8.47 -6.70
N TYR A 199 -22.87 -9.05 -7.39
CA TYR A 199 -22.67 -10.50 -7.43
C TYR A 199 -21.27 -10.86 -6.93
N PHE A 200 -21.04 -12.13 -6.55
CA PHE A 200 -19.71 -12.58 -6.06
C PHE A 200 -18.76 -12.76 -7.24
N SER A 201 -18.45 -11.67 -7.95
CA SER A 201 -17.61 -11.71 -9.15
C SER A 201 -16.93 -10.37 -9.37
N VAL A 202 -15.73 -10.40 -9.96
CA VAL A 202 -14.91 -9.21 -10.20
C VAL A 202 -14.29 -9.26 -11.60
N ASP A 203 -13.91 -8.09 -12.11
CA ASP A 203 -13.32 -7.96 -13.44
C ASP A 203 -11.85 -8.40 -13.43
N LYS A 204 -11.41 -9.05 -14.53
CA LYS A 204 -10.04 -9.55 -14.71
C LYS A 204 -9.63 -9.43 -16.19
N GLU A 205 -8.45 -8.85 -16.47
CA GLU A 205 -7.96 -8.68 -17.85
C GLU A 205 -6.82 -9.67 -18.14
N LEU A 207 -4.81 -10.78 -20.99
CA LEU A 207 -4.61 -9.33 -21.01
C LEU A 207 -5.60 -8.62 -21.97
N GLY A 208 -5.89 -9.25 -23.11
CA GLY A 208 -6.80 -8.71 -24.12
C GLY A 208 -8.25 -8.71 -23.65
N GLU A 209 -8.97 -7.57 -23.85
CA GLU A 209 -10.37 -7.34 -23.41
C GLU A 209 -10.46 -7.52 -21.86
N ILE A 210 -11.66 -7.74 -21.30
CA ILE A 210 -11.81 -7.97 -19.85
C ILE A 210 -12.85 -9.10 -19.67
N LYS A 211 -12.62 -9.97 -18.66
CA LYS A 211 -13.51 -11.09 -18.36
C LYS A 211 -13.80 -11.15 -16.85
N SER A 212 -14.94 -11.75 -16.49
CA SER A 212 -15.36 -11.92 -15.11
C SER A 212 -14.51 -13.01 -14.42
N HIS A 213 -14.32 -12.85 -13.10
CA HIS A 213 -13.60 -13.80 -12.24
C HIS A 213 -14.42 -13.99 -10.97
N ASP A 214 -14.94 -15.20 -10.74
CA ASP A 214 -15.75 -15.50 -9.56
C ASP A 214 -14.93 -15.50 -8.27
N LEU A 215 -15.53 -15.00 -7.17
CA LEU A 215 -14.87 -14.95 -5.86
C LEU A 215 -15.09 -16.29 -5.14
N LYS A 216 -16.32 -16.83 -5.24
CA LYS A 216 -16.72 -18.14 -4.68
C LYS A 216 -17.24 -18.97 -5.86
N PRO A 217 -17.28 -20.33 -5.79
CA PRO A 217 -17.80 -21.10 -6.94
C PRO A 217 -19.19 -20.66 -7.40
N ASN A 218 -19.33 -20.38 -8.71
CA ASN A 218 -20.56 -19.89 -9.36
C ASN A 218 -20.99 -18.54 -8.75
N GLY A 219 -20.02 -17.74 -8.31
CA GLY A 219 -20.24 -16.45 -7.69
C GLY A 219 -20.98 -15.43 -8.54
N GLY A 220 -20.69 -15.44 -9.85
CA GLY A 220 -21.30 -14.55 -10.83
C GLY A 220 -22.82 -14.54 -10.85
N ASN A 221 -23.46 -15.68 -10.53
CA ASN A 221 -24.93 -15.81 -10.48
C ASN A 221 -25.44 -15.92 -9.02
N ILE A 222 -24.66 -15.38 -8.03
CA ILE A 222 -25.02 -15.38 -6.60
C ILE A 222 -25.12 -13.91 -6.18
N LEU A 223 -26.34 -13.39 -6.06
CA LEU A 223 -26.57 -12.00 -5.67
C LEU A 223 -26.15 -11.77 -4.22
N VAL A 224 -25.52 -10.62 -3.95
CA VAL A 224 -25.07 -10.26 -2.60
C VAL A 224 -26.32 -9.85 -1.82
N THR A 225 -26.51 -10.43 -0.62
CA THR A 225 -27.67 -10.19 0.24
C THR A 225 -27.18 -9.87 1.65
N GLU A 226 -28.13 -9.56 2.55
CA GLU A 226 -27.84 -9.23 3.95
C GLU A 226 -27.18 -10.40 4.69
N GLU A 227 -27.57 -11.65 4.36
CA GLU A 227 -26.99 -12.85 4.98
C GLU A 227 -25.51 -13.00 4.62
N ASN A 228 -25.12 -12.76 3.34
CA ASN A 228 -23.74 -12.95 2.90
C ASN A 228 -23.01 -11.63 2.51
N LYS A 229 -23.48 -10.44 2.97
CA LYS A 229 -22.78 -9.18 2.65
C LYS A 229 -21.40 -9.12 3.33
N GLU A 230 -21.26 -9.74 4.53
CA GLU A 230 -19.99 -9.77 5.25
C GLU A 230 -19.00 -10.69 4.53
N GLU A 231 -19.49 -11.82 3.99
CA GLU A 231 -18.66 -12.75 3.22
C GLU A 231 -18.18 -12.07 1.93
N TYR A 232 -19.06 -11.31 1.26
CA TYR A 232 -18.73 -10.57 0.05
C TYR A 232 -17.70 -9.48 0.33
N ILE A 233 -17.91 -8.67 1.39
CA ILE A 233 -16.97 -7.60 1.76
C ILE A 233 -15.59 -8.20 2.07
N ARG A 234 -15.54 -9.42 2.65
CA ARG A 234 -14.26 -10.08 2.95
C ARG A 234 -13.55 -10.52 1.64
N MET A 235 -14.26 -11.28 0.81
CA MET A 235 -13.73 -11.84 -0.43
C MET A 235 -13.31 -10.75 -1.45
N VAL A 236 -13.96 -9.57 -1.46
CA VAL A 236 -13.58 -8.47 -2.35
C VAL A 236 -12.33 -7.80 -1.79
N ALA A 237 -12.31 -7.53 -0.47
CA ALA A 237 -11.16 -6.91 0.20
C ALA A 237 -9.92 -7.78 0.01
N GLU A 238 -10.08 -9.12 0.19
CA GLU A 238 -8.98 -10.09 0.00
C GLU A 238 -8.47 -10.07 -1.44
N TRP A 239 -9.39 -9.92 -2.41
CA TRP A 239 -9.03 -9.87 -3.84
C TRP A 239 -8.28 -8.59 -4.17
N ARG A 240 -8.83 -7.45 -3.78
CA ARG A 240 -8.24 -6.12 -4.03
C ARG A 240 -6.80 -6.02 -3.48
N LEU A 241 -6.55 -6.59 -2.29
CA LEU A 241 -5.22 -6.53 -1.66
C LEU A 241 -4.17 -7.47 -2.32
N SER A 242 -4.56 -8.33 -3.28
CA SER A 242 -3.62 -9.22 -3.97
C SER A 242 -4.01 -9.49 -5.45
N ARG A 243 -4.78 -8.57 -6.07
CA ARG A 243 -5.35 -8.77 -7.41
C ARG A 243 -4.30 -9.01 -8.52
N GLY A 244 -3.16 -8.31 -8.51
CA GLY A 244 -2.16 -8.48 -9.57
C GLY A 244 -0.73 -8.70 -9.15
N VAL A 245 -0.52 -9.21 -7.92
CA VAL A 245 0.81 -9.46 -7.34
C VAL A 245 0.91 -10.89 -6.77
N GLU A 246 0.17 -11.85 -7.35
CA GLU A 246 0.13 -13.22 -6.84
C GLU A 246 1.45 -13.94 -7.08
N GLU A 247 1.87 -14.04 -8.35
CA GLU A 247 3.14 -14.70 -8.72
C GLU A 247 4.34 -14.06 -8.02
N GLN A 248 4.31 -12.73 -7.86
CA GLN A 248 5.39 -11.96 -7.21
C GLN A 248 5.49 -12.34 -5.73
N THR A 249 4.33 -12.41 -5.05
CA THR A 249 4.25 -12.80 -3.64
C THR A 249 4.70 -14.27 -3.48
N GLN A 250 4.25 -15.14 -4.40
CA GLN A 250 4.61 -16.55 -4.42
C GLN A 250 6.12 -16.72 -4.60
N ALA A 251 6.72 -15.86 -5.44
CA ALA A 251 8.18 -15.89 -5.68
C ALA A 251 8.92 -15.39 -4.46
N PHE A 252 8.41 -14.32 -3.80
CA PHE A 252 9.03 -13.77 -2.59
C PHE A 252 9.09 -14.84 -1.51
N PHE A 253 7.99 -15.58 -1.31
CA PHE A 253 7.96 -16.59 -0.25
C PHE A 253 8.77 -17.85 -0.62
N GLU A 254 9.10 -18.09 -1.91
CA GLU A 254 9.98 -19.20 -2.27
C GLU A 254 11.35 -18.91 -1.65
N GLY A 255 11.82 -17.68 -1.86
CA GLY A 255 13.08 -17.19 -1.31
C GLY A 255 13.08 -17.04 0.19
N PHE A 256 11.96 -16.58 0.76
CA PHE A 256 11.86 -16.38 2.21
C PHE A 256 12.00 -17.71 2.99
N ASN A 257 11.12 -18.68 2.69
CA ASN A 257 11.02 -19.96 3.39
C ASN A 257 12.25 -20.84 3.22
N GLU A 258 13.04 -20.69 2.15
CA GLU A 258 14.24 -21.52 2.00
C GLU A 258 15.38 -21.03 2.92
N ILE A 259 15.29 -19.82 3.50
CA ILE A 259 16.28 -19.32 4.44
C ILE A 259 15.72 -19.51 5.84
N LEU A 260 14.59 -18.86 6.13
CA LEU A 260 13.92 -18.94 7.43
C LEU A 260 12.49 -19.42 7.21
N PRO A 261 12.08 -20.61 7.71
CA PRO A 261 10.69 -21.03 7.54
C PRO A 261 9.72 -20.12 8.31
N GLN A 262 8.61 -19.70 7.67
CA GLN A 262 7.60 -18.80 8.25
C GLN A 262 7.04 -19.30 9.59
N GLN A 263 7.05 -20.63 9.84
CA GLN A 263 6.59 -21.26 11.09
C GLN A 263 7.31 -20.68 12.34
N TYR A 264 8.56 -20.23 12.19
CA TYR A 264 9.35 -19.68 13.30
C TYR A 264 8.83 -18.31 13.78
N LEU A 265 8.02 -17.59 12.97
CA LEU A 265 7.48 -16.27 13.34
C LEU A 265 5.97 -16.33 13.71
N GLN A 266 5.42 -17.51 14.02
CA GLN A 266 3.98 -17.65 14.30
C GLN A 266 3.50 -16.89 15.57
N TYR A 267 4.35 -16.70 16.59
CA TYR A 267 3.95 -16.05 17.84
C TYR A 267 4.15 -14.51 17.82
N PHE A 268 4.37 -13.90 16.63
CA PHE A 268 4.49 -12.44 16.48
C PHE A 268 3.27 -11.91 15.73
N ASP A 269 3.01 -10.60 15.89
CA ASP A 269 1.95 -9.89 15.16
C ASP A 269 2.61 -8.94 14.15
N ALA A 270 1.83 -8.36 13.24
CA ALA A 270 2.33 -7.46 12.19
C ALA A 270 3.10 -6.25 12.76
N LYS A 271 2.78 -5.79 13.98
CA LYS A 271 3.49 -4.68 14.60
C LYS A 271 4.81 -5.15 15.22
N GLU A 272 4.86 -6.35 15.83
CA GLU A 272 6.11 -6.88 16.42
C GLU A 272 7.13 -7.26 15.34
N LEU A 273 6.65 -7.89 14.24
CA LEU A 273 7.51 -8.30 13.12
C LEU A 273 8.18 -7.08 12.48
N GLU A 274 7.48 -5.93 12.42
CA GLU A 274 8.05 -4.71 11.85
C GLU A 274 9.25 -4.23 12.68
N VAL A 275 9.12 -4.27 14.01
CA VAL A 275 10.18 -3.85 14.93
C VAL A 275 11.28 -4.94 14.95
N LEU A 276 10.93 -6.22 14.75
CA LEU A 276 11.92 -7.30 14.67
C LEU A 276 12.81 -7.13 13.39
N LEU A 277 12.24 -6.57 12.32
CA LEU A 277 12.96 -6.33 11.06
C LEU A 277 13.67 -4.99 11.06
N CYS A 278 12.96 -3.91 11.42
CA CYS A 278 13.47 -2.54 11.33
C CYS A 278 14.18 -2.08 12.62
N GLY A 279 14.11 -2.84 13.71
CA GLY A 279 14.75 -2.46 14.97
C GLY A 279 14.06 -1.35 15.72
N MET A 280 14.40 -1.19 17.01
CA MET A 280 13.82 -0.15 17.86
C MET A 280 14.40 1.22 17.51
N GLN A 281 13.55 2.27 17.60
CA GLN A 281 13.95 3.66 17.33
C GLN A 281 13.40 4.57 18.43
N GLU A 282 14.25 5.45 18.98
CA GLU A 282 13.83 6.39 20.04
C GLU A 282 12.97 7.50 19.42
N ILE A 283 11.69 7.58 19.78
CA ILE A 283 10.77 8.58 19.23
C ILE A 283 10.94 9.90 19.99
N ASP A 284 11.11 11.02 19.27
CA ASP A 284 11.27 12.36 19.85
C ASP A 284 9.89 12.94 20.17
N LEU A 285 9.56 13.05 21.46
CA LEU A 285 8.27 13.56 21.91
C LEU A 285 8.09 15.05 21.55
N ASN A 286 9.19 15.83 21.49
CA ASN A 286 9.12 17.26 21.18
C ASN A 286 8.78 17.47 19.70
N ASP A 287 9.46 16.74 18.80
CA ASP A 287 9.18 16.83 17.36
C ASP A 287 7.77 16.32 17.03
N TRP A 288 7.26 15.36 17.84
CA TRP A 288 5.93 14.77 17.67
C TRP A 288 4.85 15.80 17.97
N GLN A 289 4.91 16.43 19.15
CA GLN A 289 3.91 17.42 19.55
C GLN A 289 3.99 18.72 18.71
N ARG A 290 5.19 19.13 18.27
CA ARG A 290 5.37 20.36 17.48
C ARG A 290 4.73 20.24 16.08
N HIS A 291 4.79 19.05 15.45
CA HIS A 291 4.24 18.85 14.11
C HIS A 291 3.02 17.90 14.17
N ALA A 292 2.05 18.25 15.04
CA ALA A 292 0.79 17.51 15.23
C ALA A 292 -0.39 18.45 15.04
N ILE A 293 -1.30 18.13 14.09
CA ILE A 293 -2.50 18.94 13.82
C ILE A 293 -3.66 18.36 14.64
N TYR A 294 -4.74 19.15 14.84
CA TYR A 294 -5.88 18.72 15.65
C TYR A 294 -7.20 18.99 14.93
N ARG A 295 -8.05 17.95 14.79
CA ARG A 295 -9.37 18.05 14.14
C ARG A 295 -10.46 18.12 15.23
N ARG A 296 -11.22 19.25 15.27
CA ARG A 296 -12.29 19.51 16.25
C ARG A 296 -11.73 19.49 17.71
N TYR A 297 -10.43 19.81 17.86
CA TYR A 297 -9.71 19.83 19.13
C TYR A 297 -8.67 20.94 19.09
N ALA A 298 -8.27 21.42 20.28
CA ALA A 298 -7.23 22.45 20.43
C ALA A 298 -6.03 21.85 21.16
N ARG A 299 -4.92 22.58 21.16
CA ARG A 299 -3.69 22.16 21.84
C ARG A 299 -3.91 22.17 23.35
N THR A 300 -4.79 23.07 23.84
CA THR A 300 -5.16 23.21 25.25
C THR A 300 -6.43 22.39 25.61
N SER A 301 -6.85 21.42 24.79
CA SER A 301 -8.03 20.60 25.10
C SER A 301 -7.65 19.58 26.16
N LYS A 302 -8.51 19.41 27.19
CA LYS A 302 -8.28 18.47 28.30
C LYS A 302 -7.81 17.07 27.81
N GLN A 303 -8.43 16.54 26.73
CA GLN A 303 -8.10 15.22 26.20
C GLN A 303 -6.78 15.22 25.46
N ILE A 304 -6.45 16.31 24.75
CA ILE A 304 -5.19 16.41 24.00
C ILE A 304 -4.03 16.51 25.01
N MET A 305 -4.22 17.22 26.13
CA MET A 305 -3.17 17.34 27.14
C MET A 305 -2.97 16.01 27.89
N TRP A 306 -4.06 15.24 28.12
CA TRP A 306 -3.97 13.91 28.73
C TRP A 306 -3.24 12.92 27.80
N PHE A 307 -3.41 13.07 26.47
CA PHE A 307 -2.74 12.22 25.48
C PHE A 307 -1.22 12.39 25.52
N TRP A 308 -0.71 13.63 25.61
CA TRP A 308 0.74 13.86 25.66
C TRP A 308 1.29 13.45 27.05
N GLN A 309 0.46 13.50 28.11
CA GLN A 309 0.87 13.02 29.44
C GLN A 309 1.02 11.49 29.37
N PHE A 310 0.12 10.82 28.63
CA PHE A 310 0.15 9.38 28.40
C PHE A 310 1.41 8.99 27.60
N VAL A 311 1.67 9.69 26.48
CA VAL A 311 2.85 9.43 25.62
C VAL A 311 4.15 9.59 26.46
N LYS A 312 4.22 10.60 27.34
CA LYS A 312 5.39 10.84 28.19
C LYS A 312 5.55 9.73 29.25
N GLU A 313 4.43 9.17 29.75
CA GLU A 313 4.44 8.12 30.78
C GLU A 313 4.88 6.76 30.22
N ILE A 314 4.32 6.34 29.08
CA ILE A 314 4.62 5.02 28.50
C ILE A 314 6.10 4.94 28.05
N ASP A 315 6.62 3.70 28.01
CA ASP A 315 8.00 3.40 27.57
C ASP A 315 8.04 3.46 26.06
N ASN A 316 9.23 3.72 25.48
CA ASN A 316 9.44 3.79 24.04
C ASN A 316 8.85 2.56 23.31
N GLU A 317 8.90 1.36 23.94
CA GLU A 317 8.31 0.14 23.38
C GLU A 317 6.81 0.34 23.08
N LYS A 318 6.08 1.03 23.98
CA LYS A 318 4.64 1.31 23.77
C LYS A 318 4.43 2.55 22.88
N ARG A 319 5.38 3.51 22.87
CA ARG A 319 5.27 4.70 22.00
C ARG A 319 5.35 4.30 20.55
N MET A 320 6.18 3.30 20.23
CA MET A 320 6.28 2.77 18.86
C MET A 320 4.97 2.10 18.47
N ARG A 321 4.34 1.36 19.40
CA ARG A 321 3.07 0.68 19.15
C ARG A 321 1.93 1.67 18.96
N LEU A 322 1.97 2.82 19.68
CA LEU A 322 0.97 3.89 19.55
C LEU A 322 1.17 4.59 18.20
N LEU A 323 2.42 4.81 17.80
CA LEU A 323 2.73 5.42 16.51
C LEU A 323 2.29 4.47 15.40
N GLN A 324 2.55 3.15 15.54
CA GLN A 324 2.14 2.14 14.57
C GLN A 324 0.63 2.10 14.45
N PHE A 325 -0.08 2.13 15.58
CA PHE A 325 -1.53 2.09 15.62
C PHE A 325 -2.17 3.27 14.84
N VAL A 326 -1.54 4.46 14.86
CA VAL A 326 -2.09 5.64 14.19
C VAL A 326 -1.60 5.77 12.75
N THR A 327 -0.28 5.62 12.49
CA THR A 327 0.30 5.81 11.15
C THR A 327 0.43 4.53 10.30
N GLY A 328 0.48 3.37 10.95
CA GLY A 328 0.68 2.10 10.28
C GLY A 328 2.13 1.66 10.27
N THR A 329 3.03 2.41 10.93
CA THR A 329 4.45 2.07 10.99
C THR A 329 5.19 2.80 12.11
N CYS A 330 6.18 2.13 12.70
CA CYS A 330 7.04 2.70 13.74
C CYS A 330 8.12 3.58 13.10
N ARG A 331 8.49 3.30 11.82
CA ARG A 331 9.52 4.06 11.11
C ARG A 331 9.11 5.51 10.91
N LEU A 332 10.11 6.41 10.87
CA LEU A 332 9.90 7.84 10.67
C LEU A 332 10.86 8.38 9.61
N PRO A 333 10.52 9.48 8.92
CA PRO A 333 11.46 10.05 7.94
C PRO A 333 12.69 10.67 8.62
N VAL A 334 13.78 10.83 7.86
CA VAL A 334 15.02 11.44 8.38
C VAL A 334 14.75 12.88 8.84
N GLY A 335 13.79 13.56 8.19
CA GLY A 335 13.38 14.91 8.54
C GLY A 335 12.67 14.99 9.88
N GLY A 336 11.63 14.17 10.04
CA GLY A 336 10.84 14.11 11.26
C GLY A 336 9.35 14.01 11.03
N PHE A 337 8.55 14.43 12.02
CA PHE A 337 7.08 14.40 11.91
C PHE A 337 6.55 15.48 10.96
N ALA A 338 7.38 16.50 10.57
CA ALA A 338 6.96 17.51 9.60
C ALA A 338 6.86 16.88 8.19
N ASP A 339 7.79 15.95 7.85
CA ASP A 339 7.82 15.24 6.58
C ASP A 339 7.03 13.90 6.65
N LEU A 340 6.03 13.79 7.54
CA LEU A 340 5.25 12.56 7.67
C LEU A 340 4.33 12.42 6.45
N MET A 341 4.28 11.23 5.85
CA MET A 341 3.51 10.96 4.65
C MET A 341 2.34 10.01 4.90
N GLY A 342 1.27 10.19 4.11
CA GLY A 342 0.07 9.37 4.15
C GLY A 342 -0.14 8.66 2.82
N SER A 343 -1.41 8.40 2.46
CA SER A 343 -1.76 7.75 1.20
C SER A 343 -1.91 8.78 0.08
N ASN A 344 -2.45 9.98 0.40
CA ASN A 344 -2.66 11.07 -0.55
C ASN A 344 -1.61 12.18 -0.35
N GLY A 345 -0.33 11.78 -0.32
CA GLY A 345 0.79 12.71 -0.16
C GLY A 345 1.11 13.07 1.28
N PRO A 346 1.67 14.27 1.54
CA PRO A 346 2.02 14.63 2.93
C PRO A 346 0.79 14.89 3.81
N GLN A 347 0.72 14.20 4.96
CA GLN A 347 -0.35 14.35 5.96
C GLN A 347 0.27 14.23 7.36
N LYS A 348 0.18 15.31 8.17
CA LYS A 348 0.74 15.31 9.53
C LYS A 348 -0.15 14.50 10.49
N PHE A 349 0.42 14.10 11.65
CA PHE A 349 -0.27 13.32 12.69
C PHE A 349 -1.47 14.12 13.19
N CYS A 350 -2.69 13.54 13.09
CA CYS A 350 -3.90 14.24 13.49
C CYS A 350 -4.63 13.49 14.61
N ILE A 351 -5.28 14.26 15.52
CA ILE A 351 -6.09 13.71 16.60
C ILE A 351 -7.46 14.34 16.43
N GLU A 352 -8.49 13.52 16.09
CA GLU A 352 -9.86 13.96 15.82
C GLU A 352 -10.78 13.66 17.00
N LYS A 353 -11.75 14.56 17.26
CA LYS A 353 -12.75 14.34 18.31
C LYS A 353 -13.88 13.53 17.63
N VAL A 354 -14.11 12.28 18.06
CA VAL A 354 -15.13 11.41 17.44
C VAL A 354 -15.74 10.44 18.46
N GLY A 355 -17.07 10.50 18.62
CA GLY A 355 -17.82 9.61 19.50
C GLY A 355 -18.06 10.15 20.88
N LYS A 356 -18.18 9.25 21.87
CA LYS A 356 -18.43 9.58 23.28
C LYS A 356 -17.50 8.76 24.20
N GLU A 357 -17.57 8.98 25.53
CA GLU A 357 -16.74 8.27 26.52
C GLU A 357 -16.90 6.73 26.44
N ASN A 358 -18.10 6.24 26.07
CA ASN A 358 -18.39 4.80 25.93
C ASN A 358 -17.57 4.12 24.80
N TRP A 359 -17.17 4.87 23.75
CA TRP A 359 -16.45 4.31 22.61
C TRP A 359 -15.00 3.93 22.94
N LEU A 360 -14.40 3.12 22.05
CA LEU A 360 -13.00 2.68 22.08
C LEU A 360 -12.27 3.53 21.00
N PRO A 361 -10.98 3.91 21.14
CA PRO A 361 -10.37 4.77 20.10
C PRO A 361 -10.05 3.99 18.81
N ARG A 362 -10.20 4.68 17.66
CA ARG A 362 -9.99 4.13 16.32
C ARG A 362 -8.87 4.92 15.60
N SER A 363 -8.46 4.48 14.39
CA SER A 363 -7.40 5.15 13.64
C SER A 363 -7.59 5.04 12.11
N HIS A 364 -6.89 5.91 11.36
CA HIS A 364 -6.90 5.97 9.90
C HIS A 364 -5.47 6.16 9.39
N THR A 365 -4.76 5.03 9.16
CA THR A 365 -3.34 5.02 8.75
C THR A 365 -3.09 5.71 7.40
N CYS A 366 -4.13 5.81 6.54
CA CYS A 366 -4.03 6.51 5.25
C CYS A 366 -3.76 8.00 5.46
N PHE A 367 -4.36 8.61 6.51
CA PHE A 367 -4.23 10.04 6.82
C PHE A 367 -3.53 10.28 8.17
N ASN A 368 -3.03 9.21 8.85
CA ASN A 368 -2.34 9.29 10.14
C ASN A 368 -3.21 10.02 11.19
N ARG A 369 -4.54 9.76 11.14
CA ARG A 369 -5.53 10.40 11.99
C ARG A 369 -6.00 9.45 13.09
N LEU A 370 -5.94 9.91 14.35
CA LEU A 370 -6.40 9.17 15.53
C LEU A 370 -7.78 9.69 15.91
N ASP A 371 -8.80 8.82 15.93
CA ASP A 371 -10.14 9.22 16.36
C ASP A 371 -10.20 9.04 17.88
N LEU A 372 -9.96 10.12 18.62
CA LEU A 372 -9.95 10.11 20.09
C LEU A 372 -11.29 10.58 20.67
N PRO A 373 -12.08 9.72 21.37
CA PRO A 373 -13.36 10.19 21.91
C PRO A 373 -13.19 11.14 23.11
N PRO A 374 -14.18 12.00 23.43
CA PRO A 374 -14.01 12.93 24.55
C PRO A 374 -14.21 12.23 25.90
N TYR A 375 -13.13 11.70 26.46
CA TYR A 375 -13.17 11.00 27.75
C TYR A 375 -13.32 11.99 28.90
N LYS A 376 -13.78 11.47 30.06
CA LYS A 376 -14.02 12.27 31.26
C LYS A 376 -12.78 12.37 32.16
N SER A 377 -11.81 11.42 32.06
CA SER A 377 -10.61 11.43 32.90
C SER A 377 -9.38 10.85 32.19
N TYR A 378 -8.20 11.04 32.80
CA TYR A 378 -6.92 10.54 32.28
C TYR A 378 -6.83 9.01 32.39
N GLU A 379 -7.23 8.44 33.55
CA GLU A 379 -7.16 6.99 33.75
C GLU A 379 -8.05 6.24 32.75
N GLN A 380 -9.19 6.83 32.35
CA GLN A 380 -10.05 6.22 31.33
C GLN A 380 -9.32 6.22 30.00
N LEU A 381 -8.64 7.34 29.66
CA LEU A 381 -7.87 7.44 28.42
C LEU A 381 -6.71 6.45 28.45
N LYS A 382 -5.93 6.43 29.55
CA LYS A 382 -4.80 5.50 29.72
C LYS A 382 -5.26 4.04 29.59
N GLU A 383 -6.42 3.69 30.17
CA GLU A 383 -6.96 2.32 30.10
C GLU A 383 -7.48 2.00 28.69
N LYS A 384 -8.20 2.95 28.05
CA LYS A 384 -8.78 2.74 26.73
C LYS A 384 -7.72 2.70 25.61
N LEU A 385 -6.76 3.65 25.61
CA LEU A 385 -5.73 3.69 24.55
C LEU A 385 -4.73 2.54 24.72
N LEU A 386 -4.16 2.33 25.94
CA LEU A 386 -3.21 1.23 26.16
C LEU A 386 -3.81 -0.13 25.73
N PHE A 387 -5.12 -0.33 25.96
CA PHE A 387 -5.82 -1.55 25.57
C PHE A 387 -6.03 -1.60 24.06
N ALA A 388 -6.39 -0.46 23.44
CA ALA A 388 -6.63 -0.38 22.01
C ALA A 388 -5.36 -0.59 21.18
N ILE A 389 -4.17 -0.21 21.69
CA ILE A 389 -2.92 -0.40 20.94
C ILE A 389 -2.44 -1.85 21.12
N GLU A 390 -2.77 -2.51 22.25
CA GLU A 390 -2.36 -3.91 22.50
C GLU A 390 -3.35 -4.88 21.87
N GLU A 391 -4.66 -4.75 22.19
CA GLU A 391 -5.70 -5.64 21.68
C GLU A 391 -6.19 -5.26 20.26
N THR A 392 -5.81 -4.07 19.71
CA THR A 392 -6.15 -3.59 18.35
C THR A 392 -7.71 -3.39 18.24
N GLU A 393 -8.24 -3.08 17.02
N GLU A 393 -8.23 -3.12 17.01
CA GLU A 393 -9.68 -2.89 16.78
CA GLU A 393 -9.65 -2.90 16.73
C GLU A 393 -10.23 -4.12 16.03
C GLU A 393 -10.23 -4.13 16.02
N GLY A 394 -11.46 -4.49 16.37
CA GLY A 394 -12.15 -5.64 15.77
C GLY A 394 -13.66 -5.52 15.83
N MET B 1 -11.66 8.47 -26.65
CA MET B 1 -11.17 7.50 -25.67
C MET B 1 -10.31 8.18 -24.60
N HIS B 2 -10.52 7.79 -23.33
CA HIS B 2 -9.73 8.27 -22.20
C HIS B 2 -8.82 7.11 -21.79
N ILE B 3 -7.49 7.35 -21.73
CA ILE B 3 -6.51 6.33 -21.35
C ILE B 3 -5.57 6.87 -20.26
N LEU B 4 -5.06 5.96 -19.43
CA LEU B 4 -4.10 6.29 -18.39
C LEU B 4 -2.72 5.88 -18.87
N VAL B 5 -1.70 6.70 -18.58
CA VAL B 5 -0.32 6.45 -18.98
C VAL B 5 0.54 6.59 -17.73
N LYS B 6 0.84 5.46 -17.06
CA LYS B 6 1.61 5.46 -15.82
C LYS B 6 3.12 5.51 -16.08
N THR B 7 3.88 5.82 -15.02
CA THR B 7 5.35 5.87 -15.02
C THR B 7 5.87 5.07 -13.80
N LEU B 8 7.16 4.70 -13.81
CA LEU B 8 7.75 3.95 -12.70
C LEU B 8 7.85 4.82 -11.43
N ARG B 9 8.04 6.15 -11.60
CA ARG B 9 8.13 7.08 -10.46
C ARG B 9 6.79 7.19 -9.71
N GLY B 10 5.66 7.11 -10.42
CA GLY B 10 4.33 7.15 -9.81
C GLY B 10 3.29 8.01 -10.51
N LYS B 11 3.72 9.03 -11.29
CA LYS B 11 2.79 9.93 -11.97
C LYS B 11 1.97 9.19 -13.04
N THR B 12 0.75 9.70 -13.30
CA THR B 12 -0.19 9.14 -14.29
C THR B 12 -0.69 10.28 -15.17
N ILE B 13 -0.52 10.15 -16.50
CA ILE B 13 -0.93 11.17 -17.47
C ILE B 13 -2.26 10.76 -18.13
N THR B 14 -3.34 11.52 -17.85
CA THR B 14 -4.65 11.28 -18.47
C THR B 14 -4.60 11.96 -19.84
N LEU B 15 -4.94 11.23 -20.92
CA LEU B 15 -4.88 11.75 -22.28
C LEU B 15 -6.15 11.41 -23.07
N GLU B 16 -6.69 12.39 -23.81
CA GLU B 16 -7.89 12.20 -24.65
C GLU B 16 -7.36 11.80 -26.03
N VAL B 17 -7.69 10.57 -26.49
CA VAL B 17 -7.19 10.04 -27.76
C VAL B 17 -8.32 9.38 -28.56
N GLU B 18 -7.99 8.92 -29.79
CA GLU B 18 -8.88 8.22 -30.70
C GLU B 18 -8.15 6.94 -31.18
N PRO B 19 -8.86 5.83 -31.51
CA PRO B 19 -8.15 4.62 -31.95
C PRO B 19 -7.34 4.79 -33.25
N SER B 20 -7.71 5.76 -34.12
CA SER B 20 -7.00 6.03 -35.37
C SER B 20 -5.65 6.76 -35.15
N ASP B 21 -5.36 7.29 -33.93
CA ASP B 21 -4.11 7.99 -33.64
C ASP B 21 -2.92 7.03 -33.58
N THR B 22 -1.75 7.47 -34.08
CA THR B 22 -0.53 6.67 -34.07
C THR B 22 0.15 6.77 -32.70
N ILE B 23 1.25 6.01 -32.51
CA ILE B 23 2.03 6.08 -31.26
C ILE B 23 2.80 7.41 -31.22
N GLU B 24 3.19 7.95 -32.40
CA GLU B 24 3.86 9.25 -32.51
C GLU B 24 2.93 10.37 -32.04
N ASN B 25 1.62 10.26 -32.34
CA ASN B 25 0.62 11.26 -31.91
C ASN B 25 0.41 11.21 -30.40
N VAL B 26 0.51 10.02 -29.77
CA VAL B 26 0.36 9.87 -28.32
C VAL B 26 1.58 10.50 -27.64
N LYS B 27 2.78 10.34 -28.23
CA LYS B 27 4.01 10.94 -27.70
C LYS B 27 3.98 12.47 -27.83
N ALA B 28 3.38 12.99 -28.93
CA ALA B 28 3.26 14.43 -29.16
C ALA B 28 2.31 15.06 -28.12
N LYS B 29 1.28 14.32 -27.69
CA LYS B 29 0.34 14.81 -26.65
C LYS B 29 1.03 14.81 -25.28
N ILE B 30 1.86 13.77 -25.01
CA ILE B 30 2.63 13.66 -23.75
C ILE B 30 3.69 14.75 -23.70
N GLN B 31 4.35 15.02 -24.85
CA GLN B 31 5.38 16.07 -24.95
C GLN B 31 4.82 17.44 -24.62
N ASP B 32 3.64 17.79 -25.17
CA ASP B 32 3.02 19.10 -24.94
C ASP B 32 2.61 19.31 -23.46
N LYS B 33 2.28 18.22 -22.73
CA LYS B 33 1.89 18.31 -21.32
C LYS B 33 3.10 18.28 -20.37
N GLU B 34 3.96 17.25 -20.51
CA GLU B 34 5.11 17.04 -19.62
C GLU B 34 6.38 17.75 -20.10
N GLY B 35 6.71 17.61 -21.38
CA GLY B 35 7.91 18.23 -21.96
C GLY B 35 8.94 17.26 -22.51
N ILE B 36 8.83 15.97 -22.15
CA ILE B 36 9.79 14.95 -22.59
C ILE B 36 9.58 14.66 -24.09
N PRO B 37 10.62 14.68 -24.95
CA PRO B 37 10.38 14.45 -26.39
C PRO B 37 10.09 12.98 -26.72
N PRO B 38 9.53 12.70 -27.94
CA PRO B 38 9.22 11.30 -28.32
C PRO B 38 10.43 10.35 -28.39
N ASP B 39 11.65 10.88 -28.60
CA ASP B 39 12.85 10.04 -28.68
C ASP B 39 13.16 9.36 -27.34
N GLN B 40 12.89 10.06 -26.21
CA GLN B 40 13.11 9.52 -24.87
C GLN B 40 11.97 8.61 -24.38
N GLN B 41 10.75 8.77 -24.93
CA GLN B 41 9.58 8.01 -24.49
C GLN B 41 9.58 6.57 -25.03
N ARG B 42 9.11 5.61 -24.21
CA ARG B 42 8.99 4.18 -24.56
C ARG B 42 7.69 3.60 -23.96
N LEU B 43 6.55 3.79 -24.66
CA LEU B 43 5.24 3.34 -24.20
C LEU B 43 5.07 1.82 -24.32
N LEU B 44 4.36 1.21 -23.35
CA LEU B 44 4.08 -0.23 -23.30
C LEU B 44 2.58 -0.51 -23.10
N PHE B 45 2.11 -1.68 -23.55
CA PHE B 45 0.72 -2.11 -23.39
C PHE B 45 0.66 -3.64 -23.28
N GLY B 46 0.41 -4.14 -22.08
CA GLY B 46 0.37 -5.58 -21.81
C GLY B 46 1.73 -6.22 -21.99
N GLY B 47 2.77 -5.53 -21.53
CA GLY B 47 4.16 -5.99 -21.65
C GLY B 47 4.69 -6.08 -23.07
N ASN B 48 4.10 -5.31 -24.02
CA ASN B 48 4.51 -5.29 -25.43
C ASN B 48 4.93 -3.87 -25.82
N LYS B 49 6.08 -3.74 -26.50
CA LYS B 49 6.62 -2.45 -26.95
C LYS B 49 5.75 -1.86 -28.05
N LEU B 50 5.54 -0.53 -28.02
CA LEU B 50 4.70 0.18 -28.98
C LEU B 50 5.56 0.86 -30.05
N GLU B 51 5.50 0.33 -31.30
CA GLU B 51 6.25 0.85 -32.43
C GLU B 51 5.67 2.19 -32.89
N ASP B 52 6.55 3.11 -33.33
CA ASP B 52 6.16 4.47 -33.75
C ASP B 52 5.10 4.49 -34.87
N GLY B 53 5.25 3.63 -35.88
CA GLY B 53 4.35 3.57 -37.03
C GLY B 53 3.22 2.57 -36.93
N ARG B 54 2.37 2.69 -35.90
CA ARG B 54 1.21 1.80 -35.69
C ARG B 54 0.07 2.52 -34.98
N THR B 55 -1.18 2.09 -35.23
CA THR B 55 -2.36 2.67 -34.60
C THR B 55 -2.66 1.94 -33.29
N LEU B 56 -3.42 2.58 -32.39
CA LEU B 56 -3.80 2.02 -31.10
C LEU B 56 -4.72 0.79 -31.27
N SER B 57 -5.48 0.72 -32.39
CA SER B 57 -6.37 -0.41 -32.69
C SER B 57 -5.57 -1.70 -32.96
N ASP B 58 -4.33 -1.58 -33.51
CA ASP B 58 -3.49 -2.75 -33.81
C ASP B 58 -3.07 -3.48 -32.54
N TYR B 59 -2.87 -2.74 -31.42
CA TYR B 59 -2.48 -3.32 -30.13
C TYR B 59 -3.71 -3.63 -29.22
N ASN B 60 -4.96 -3.45 -29.73
CA ASN B 60 -6.22 -3.69 -29.02
C ASN B 60 -6.32 -2.78 -27.77
N ILE B 61 -5.91 -1.51 -27.91
CA ILE B 61 -5.95 -0.53 -26.82
C ILE B 61 -7.36 0.06 -26.79
N GLN B 62 -8.22 -0.50 -25.95
CA GLN B 62 -9.62 -0.07 -25.80
C GLN B 62 -9.70 1.19 -24.90
N LYS B 63 -10.93 1.67 -24.63
CA LYS B 63 -11.14 2.83 -23.75
C LYS B 63 -10.86 2.44 -22.30
N GLU B 64 -10.39 3.41 -21.49
CA GLU B 64 -10.06 3.22 -20.06
C GLU B 64 -8.96 2.13 -19.89
N SER B 65 -7.99 2.10 -20.82
CA SER B 65 -6.89 1.14 -20.83
C SER B 65 -5.62 1.80 -20.30
N ASN B 66 -4.85 1.08 -19.46
CA ASN B 66 -3.64 1.61 -18.84
C ASN B 66 -2.39 1.25 -19.65
N LEU B 67 -1.51 2.25 -19.89
CA LEU B 67 -0.25 2.10 -20.62
C LEU B 67 0.89 2.50 -19.70
N TYR B 68 2.06 1.87 -19.85
CA TYR B 68 3.22 2.21 -19.01
C TYR B 68 4.26 2.94 -19.87
N LEU B 69 4.77 4.06 -19.36
CA LEU B 69 5.74 4.92 -20.05
C LEU B 69 7.09 4.83 -19.34
N LEU B 70 8.15 4.49 -20.09
CA LEU B 70 9.52 4.34 -19.60
C LEU B 70 10.35 5.46 -20.24
N LEU B 71 11.02 6.29 -19.42
CA LEU B 71 11.82 7.42 -19.89
C LEU B 71 13.32 7.07 -19.92
N ARG B 72 14.04 7.51 -20.97
CA ARG B 72 15.46 7.22 -21.18
C ARG B 72 16.30 8.49 -21.34
N ARG B 73 17.56 8.47 -20.83
CA ARG B 73 18.50 9.58 -20.99
C ARG B 73 19.00 9.63 -22.43
N MET C 1 -12.35 19.33 -14.06
CA MET C 1 -11.49 18.43 -13.30
C MET C 1 -11.78 16.97 -13.69
N HIS C 2 -10.75 16.24 -14.16
CA HIS C 2 -10.92 14.84 -14.56
C HIS C 2 -10.90 13.93 -13.32
N ILE C 3 -12.08 13.37 -12.97
CA ILE C 3 -12.26 12.49 -11.79
C ILE C 3 -12.61 11.07 -12.28
N LEU C 4 -12.28 10.06 -11.46
CA LEU C 4 -12.54 8.64 -11.78
C LEU C 4 -13.86 8.17 -11.14
N VAL C 5 -14.63 7.36 -11.89
CA VAL C 5 -15.91 6.77 -11.44
C VAL C 5 -15.68 5.24 -11.39
N LYS C 6 -15.52 4.68 -10.18
CA LYS C 6 -15.19 3.25 -10.01
C LYS C 6 -16.39 2.41 -9.54
N THR C 7 -16.23 1.07 -9.53
CA THR C 7 -17.23 0.10 -9.07
C THR C 7 -16.52 -0.99 -8.24
N LEU C 8 -17.30 -1.80 -7.51
CA LEU C 8 -16.75 -2.88 -6.68
C LEU C 8 -16.31 -4.09 -7.54
N ARG C 9 -16.57 -4.07 -8.85
CA ARG C 9 -16.09 -5.13 -9.76
C ARG C 9 -14.65 -4.88 -10.18
N GLY C 10 -14.22 -3.62 -10.18
CA GLY C 10 -12.88 -3.21 -10.61
C GLY C 10 -12.89 -2.29 -11.81
N LYS C 11 -14.06 -2.07 -12.44
CA LYS C 11 -14.17 -1.17 -13.61
C LYS C 11 -13.93 0.27 -13.19
N THR C 12 -13.47 1.10 -14.15
CA THR C 12 -13.20 2.53 -13.94
C THR C 12 -13.75 3.32 -15.14
N ILE C 13 -14.15 4.59 -14.91
CA ILE C 13 -14.71 5.46 -15.95
C ILE C 13 -14.26 6.90 -15.72
N THR C 14 -13.24 7.36 -16.46
CA THR C 14 -12.71 8.73 -16.35
C THR C 14 -13.69 9.68 -17.04
N LEU C 15 -14.38 10.53 -16.26
CA LEU C 15 -15.37 11.51 -16.77
C LEU C 15 -14.95 12.92 -16.38
N GLU C 16 -14.92 13.85 -17.36
CA GLU C 16 -14.54 15.26 -17.14
C GLU C 16 -15.75 16.01 -16.62
N VAL C 17 -15.62 16.69 -15.46
CA VAL C 17 -16.73 17.44 -14.85
C VAL C 17 -16.21 18.65 -14.08
N GLU C 18 -16.97 19.77 -14.12
CA GLU C 18 -16.60 21.00 -13.41
C GLU C 18 -17.10 20.91 -11.94
N PRO C 19 -16.53 21.69 -10.99
CA PRO C 19 -17.00 21.60 -9.60
C PRO C 19 -18.47 22.02 -9.40
N SER C 20 -19.01 22.90 -10.28
CA SER C 20 -20.40 23.35 -10.19
C SER C 20 -21.42 22.25 -10.58
N ASP C 21 -20.97 21.17 -11.28
CA ASP C 21 -21.87 20.08 -11.69
C ASP C 21 -22.44 19.33 -10.48
N THR C 22 -23.73 18.94 -10.57
CA THR C 22 -24.43 18.24 -9.49
C THR C 22 -24.32 16.72 -9.64
N ILE C 23 -24.81 15.98 -8.63
CA ILE C 23 -24.80 14.51 -8.61
C ILE C 23 -25.80 13.99 -9.67
N GLU C 24 -26.92 14.70 -9.89
CA GLU C 24 -27.91 14.34 -10.92
C GLU C 24 -27.31 14.55 -12.32
N ASN C 25 -26.50 15.61 -12.47
CA ASN C 25 -25.81 15.93 -13.72
C ASN C 25 -24.62 14.97 -13.95
N VAL C 26 -23.94 14.56 -12.86
CA VAL C 26 -22.81 13.61 -12.94
C VAL C 26 -23.32 12.22 -13.33
N LYS C 27 -24.46 11.79 -12.76
CA LYS C 27 -25.08 10.49 -13.10
C LYS C 27 -25.60 10.50 -14.54
N ALA C 28 -26.08 11.67 -15.04
CA ALA C 28 -26.56 11.82 -16.41
C ALA C 28 -25.38 11.76 -17.40
N LYS C 29 -24.19 12.28 -16.99
CA LYS C 29 -22.97 12.23 -17.82
C LYS C 29 -22.45 10.78 -17.95
N ILE C 30 -22.65 9.94 -16.91
CA ILE C 30 -22.25 8.53 -16.93
C ILE C 30 -23.07 7.73 -17.96
N GLN C 31 -24.32 8.18 -18.26
CA GLN C 31 -25.19 7.53 -19.26
C GLN C 31 -24.58 7.63 -20.67
N ASP C 32 -23.84 8.71 -20.96
CA ASP C 32 -23.20 8.89 -22.27
C ASP C 32 -22.02 7.92 -22.48
N LYS C 33 -21.36 7.46 -21.40
CA LYS C 33 -20.19 6.55 -21.50
C LYS C 33 -20.55 5.09 -21.17
N GLU C 34 -21.28 4.84 -20.06
CA GLU C 34 -21.63 3.48 -19.63
C GLU C 34 -22.97 3.01 -20.20
N GLY C 35 -23.97 3.88 -20.21
CA GLY C 35 -25.30 3.55 -20.71
C GLY C 35 -26.18 2.87 -19.67
N ILE C 36 -26.26 3.48 -18.47
CA ILE C 36 -27.07 2.99 -17.35
C ILE C 36 -28.09 4.09 -16.99
N PRO C 37 -29.37 3.78 -16.67
CA PRO C 37 -30.32 4.86 -16.32
C PRO C 37 -29.93 5.57 -15.02
N PRO C 38 -29.98 6.92 -14.94
CA PRO C 38 -29.58 7.61 -13.69
C PRO C 38 -30.39 7.22 -12.44
N ASP C 39 -31.60 6.62 -12.58
CA ASP C 39 -32.37 6.17 -11.42
C ASP C 39 -31.75 4.89 -10.83
N GLN C 40 -31.24 3.98 -11.70
CA GLN C 40 -30.55 2.75 -11.26
C GLN C 40 -29.18 3.06 -10.64
N GLN C 41 -28.59 4.23 -10.97
CA GLN C 41 -27.29 4.63 -10.42
C GLN C 41 -27.41 5.07 -8.96
N ARG C 42 -26.38 4.77 -8.15
CA ARG C 42 -26.29 5.19 -6.75
C ARG C 42 -24.81 5.50 -6.45
N LEU C 43 -24.44 6.80 -6.55
CA LEU C 43 -23.07 7.26 -6.33
C LEU C 43 -22.80 7.55 -4.87
N LEU C 44 -21.52 7.52 -4.47
CA LEU C 44 -21.11 7.86 -3.11
C LEU C 44 -19.64 8.34 -3.10
N PHE C 45 -19.38 9.41 -2.35
CA PHE C 45 -18.07 10.02 -2.15
C PHE C 45 -17.75 9.85 -0.67
N GLY C 46 -16.58 9.32 -0.35
CA GLY C 46 -16.22 9.03 1.03
C GLY C 46 -17.04 7.86 1.51
N GLY C 47 -17.41 7.87 2.79
CA GLY C 47 -18.25 6.83 3.37
C GLY C 47 -19.73 7.11 3.27
N ASN C 48 -20.13 8.34 2.85
CA ASN C 48 -21.53 8.79 2.77
C ASN C 48 -22.09 8.75 1.35
N LYS C 49 -23.42 8.55 1.23
CA LYS C 49 -24.10 8.49 -0.07
C LYS C 49 -24.29 9.90 -0.65
N LEU C 50 -24.16 10.02 -1.99
CA LEU C 50 -24.32 11.31 -2.68
C LEU C 50 -25.79 11.49 -3.08
N GLU C 51 -26.42 12.62 -2.65
CA GLU C 51 -27.83 12.91 -2.93
C GLU C 51 -27.97 13.68 -4.25
N ASP C 52 -28.90 13.25 -5.12
CA ASP C 52 -29.14 13.87 -6.43
C ASP C 52 -29.69 15.30 -6.26
N GLY C 53 -28.96 16.28 -6.79
CA GLY C 53 -29.31 17.70 -6.71
C GLY C 53 -28.22 18.57 -6.12
N ARG C 54 -27.51 18.07 -5.10
CA ARG C 54 -26.43 18.83 -4.44
C ARG C 54 -25.20 18.92 -5.35
N THR C 55 -24.50 20.08 -5.29
CA THR C 55 -23.30 20.32 -6.10
C THR C 55 -22.12 19.46 -5.61
N LEU C 56 -21.16 19.18 -6.52
CA LEU C 56 -19.97 18.36 -6.21
C LEU C 56 -18.99 19.09 -5.27
N SER C 57 -19.01 20.44 -5.24
CA SER C 57 -18.11 21.23 -4.38
C SER C 57 -18.48 21.13 -2.88
N ASP C 58 -19.72 20.67 -2.55
CA ASP C 58 -20.15 20.50 -1.15
C ASP C 58 -19.44 19.28 -0.56
N TYR C 59 -19.44 18.16 -1.28
CA TYR C 59 -18.77 16.92 -0.86
C TYR C 59 -17.24 17.04 -1.06
N ASN C 60 -16.78 17.91 -1.99
CA ASN C 60 -15.36 18.18 -2.28
C ASN C 60 -14.71 16.95 -2.90
N GLN C 62 -12.48 17.44 -5.65
CA GLN C 62 -11.17 17.88 -6.13
C GLN C 62 -10.73 17.05 -7.35
N LYS C 63 -9.59 17.42 -7.97
CA LYS C 63 -9.07 16.73 -9.15
C LYS C 63 -8.56 15.32 -8.81
N GLU C 64 -8.77 14.36 -9.75
CA GLU C 64 -8.36 12.94 -9.64
C GLU C 64 -8.92 12.30 -8.34
N SER C 65 -10.27 12.29 -8.20
CA SER C 65 -10.98 11.70 -7.06
C SER C 65 -11.66 10.40 -7.48
N ASN C 66 -12.00 9.56 -6.49
CA ASN C 66 -12.65 8.27 -6.73
C ASN C 66 -14.09 8.25 -6.19
N LEU C 67 -15.08 8.25 -7.09
CA LEU C 67 -16.50 8.15 -6.76
C LEU C 67 -16.90 6.71 -7.07
N TYR C 68 -17.49 6.01 -6.10
CA TYR C 68 -17.88 4.61 -6.31
C TYR C 68 -19.35 4.55 -6.70
N LEU C 69 -19.65 3.84 -7.80
CA LEU C 69 -21.00 3.68 -8.33
C LEU C 69 -21.55 2.29 -7.98
N LEU C 70 -22.79 2.26 -7.47
CA LEU C 70 -23.51 1.03 -7.12
C LEU C 70 -24.76 0.99 -7.98
N LEU C 71 -24.96 -0.08 -8.77
CA LEU C 71 -26.12 -0.19 -9.66
C LEU C 71 -27.31 -0.80 -8.92
N ARG C 72 -28.54 -0.47 -9.39
CA ARG C 72 -29.79 -0.96 -8.81
C ARG C 72 -30.56 -1.79 -9.83
#